data_9CYD
#
_entry.id   9CYD
#
_cell.length_a   156.584
_cell.length_b   156.584
_cell.length_c   156.584
_cell.angle_alpha   90.000
_cell.angle_beta   90.000
_cell.angle_gamma   90.000
#
_symmetry.space_group_name_H-M   'P 43 3 2'
#
loop_
_entity.id
_entity.type
_entity.pdbx_description
1 polymer 'Papain-like protease'
2 non-polymer (1S,4s)-4-{(3R)-3-[(E)-(methoxyimino)(6-methoxynaphthalen-2-yl)methyl]piperidin-1-yl}cyclohexan-1-ol
3 non-polymer 'ZINC ION'
4 non-polymer 'CHLORIDE ION'
#
_entity_poly.entity_id   1
_entity_poly.type   'polypeptide(L)'
_entity_poly.pdbx_seq_one_letter_code
;SNAEVRTIKVFTTVDNINLHTQVVDMSMTYGQQFGPTYLDGADVTKIKPHNSHEGKTFYVLPNDDTLRVEAFEYYHTTDP
SFLGRYMSALNHTKKWKYPQVNGLTSIKWADNNSYLATALLTLQQIELKFNPPALQDAYYRARAGEAANFCALILAYCNK
TVGELGDVRETMSYLFQHANLDSCKRVLNVVCKTCGQQQTTLKGVEAVMYMGTLSYEQFKKGVQIPCTCGKQATKYLVQQ
ESPFVMMSAPPAQYELKHGTFTCASEYTGNYQCGHYKHITSKETLYCIDGALLTKSSEYKGPITDVFYKENSYTTTIK
;
_entity_poly.pdbx_strand_id   A
#
# COMPACT_ATOMS: atom_id res chain seq x y z
N VAL A 10 -0.42 2.31 -35.36
CA VAL A 10 0.00 1.99 -34.00
C VAL A 10 0.08 3.23 -33.10
N PHE A 11 -0.14 3.06 -31.78
CA PHE A 11 -0.12 4.16 -30.83
C PHE A 11 0.86 3.89 -29.69
N THR A 12 1.35 4.97 -29.06
CA THR A 12 2.25 4.90 -27.92
C THR A 12 1.78 5.85 -26.82
N THR A 13 2.14 5.54 -25.57
CA THR A 13 1.79 6.40 -24.45
C THR A 13 2.66 6.07 -23.24
N VAL A 14 2.57 6.93 -22.23
CA VAL A 14 3.19 6.68 -20.94
C VAL A 14 2.18 6.59 -19.81
N ASP A 15 1.00 7.18 -19.95
CA ASP A 15 -0.03 7.11 -18.93
C ASP A 15 -1.26 6.33 -19.35
N ASN A 16 -1.37 5.96 -20.63
CA ASN A 16 -2.58 5.37 -21.19
C ASN A 16 -3.76 6.31 -21.13
N ILE A 17 -3.49 7.60 -20.93
CA ILE A 17 -4.50 8.65 -20.90
C ILE A 17 -4.35 9.60 -22.09
N ASN A 18 -3.15 10.14 -22.30
CA ASN A 18 -2.84 10.89 -23.52
C ASN A 18 -2.12 9.91 -24.45
N LEU A 19 -2.78 9.53 -25.56
CA LEU A 19 -2.23 8.63 -26.56
C LEU A 19 -1.63 9.43 -27.72
N HIS A 20 -0.64 8.83 -28.39
CA HIS A 20 0.08 9.47 -29.49
C HIS A 20 0.18 8.50 -30.67
N THR A 21 -0.15 8.98 -31.88
CA THR A 21 -0.18 8.13 -33.07
C THR A 21 1.21 7.99 -33.67
N GLN A 22 1.57 6.76 -34.06
CA GLN A 22 2.90 6.47 -34.56
C GLN A 22 2.84 5.56 -35.79
N VAL A 23 4.03 5.38 -36.39
CA VAL A 23 4.21 4.80 -37.71
C VAL A 23 4.58 3.32 -37.59
N VAL A 24 4.00 2.52 -38.48
CA VAL A 24 4.16 1.07 -38.49
C VAL A 24 5.24 0.71 -39.53
N ASP A 25 6.35 0.14 -39.07
CA ASP A 25 7.46 -0.28 -39.93
C ASP A 25 8.02 -1.60 -39.40
N MET A 26 7.89 -2.67 -40.20
CA MET A 26 8.24 -4.01 -39.74
C MET A 26 9.75 -4.30 -39.73
N SER A 27 10.56 -3.46 -40.39
CA SER A 27 11.98 -3.80 -40.51
C SER A 27 12.77 -3.48 -39.24
N MET A 28 12.30 -2.53 -38.43
CA MET A 28 13.03 -2.08 -37.24
C MET A 28 12.31 -2.52 -35.97
N THR A 29 13.08 -3.03 -35.00
CA THR A 29 12.50 -3.46 -33.74
C THR A 29 11.84 -2.27 -33.04
N TYR A 30 10.82 -2.55 -32.23
CA TYR A 30 10.23 -1.50 -31.42
C TYR A 30 11.31 -0.76 -30.65
N GLY A 31 12.36 -1.46 -30.21
CA GLY A 31 13.41 -0.83 -29.46
C GLY A 31 14.25 0.16 -30.27
N GLN A 32 14.31 -0.03 -31.58
CA GLN A 32 15.09 0.86 -32.43
C GLN A 32 14.29 2.10 -32.83
N GLN A 33 12.97 1.99 -32.91
CA GLN A 33 12.13 3.11 -33.32
C GLN A 33 11.63 3.91 -32.13
N PHE A 34 11.11 3.23 -31.09
CA PHE A 34 10.48 3.89 -29.94
C PHE A 34 11.36 3.92 -28.69
N GLY A 35 12.39 3.09 -28.63
CA GLY A 35 13.07 2.81 -27.38
C GLY A 35 12.38 1.65 -26.70
N PRO A 36 12.66 1.46 -25.41
CA PRO A 36 12.01 0.36 -24.68
C PRO A 36 10.50 0.44 -24.84
N THR A 37 9.92 -0.66 -25.30
CA THR A 37 8.49 -0.73 -25.59
C THR A 37 7.88 -1.95 -24.90
N TYR A 38 6.65 -1.78 -24.42
CA TYR A 38 5.92 -2.86 -23.76
C TYR A 38 4.50 -2.85 -24.29
N LEU A 39 3.94 -4.04 -24.53
CA LEU A 39 2.54 -4.20 -24.89
C LEU A 39 1.85 -4.98 -23.79
N ASP A 40 0.92 -4.34 -23.09
CA ASP A 40 0.19 -4.98 -22.00
C ASP A 40 1.17 -5.66 -21.03
N GLY A 41 2.19 -4.91 -20.64
CA GLY A 41 3.24 -5.38 -19.73
C GLY A 41 4.40 -6.08 -20.40
N ALA A 42 4.10 -6.88 -21.42
CA ALA A 42 5.11 -7.73 -22.05
C ALA A 42 6.16 -6.89 -22.77
N ASP A 43 7.43 -7.14 -22.46
CA ASP A 43 8.54 -6.42 -23.06
C ASP A 43 8.70 -6.83 -24.53
N VAL A 44 8.38 -5.92 -25.44
CA VAL A 44 8.49 -6.16 -26.87
C VAL A 44 9.65 -5.38 -27.49
N THR A 45 10.64 -4.99 -26.68
CA THR A 45 11.74 -4.16 -27.18
C THR A 45 12.59 -4.94 -28.19
N LYS A 46 12.79 -6.24 -27.96
CA LYS A 46 13.52 -7.10 -28.88
C LYS A 46 12.64 -7.60 -30.01
N ILE A 47 11.35 -7.22 -30.02
CA ILE A 47 10.39 -7.70 -31.01
C ILE A 47 10.20 -6.64 -32.09
N LYS A 48 9.98 -7.11 -33.34
CA LYS A 48 9.64 -6.22 -34.45
C LYS A 48 8.13 -6.21 -34.66
N PRO A 49 7.59 -5.13 -35.21
CA PRO A 49 6.14 -4.98 -35.23
C PRO A 49 5.44 -6.02 -36.10
N HIS A 50 4.33 -6.54 -35.59
CA HIS A 50 3.50 -7.52 -36.24
C HIS A 50 2.36 -6.83 -36.98
N ASN A 51 1.78 -7.56 -37.96
CA ASN A 51 0.67 -7.03 -38.74
C ASN A 51 -0.61 -6.89 -37.91
N SER A 52 -0.76 -7.71 -36.87
CA SER A 52 -1.94 -7.66 -36.02
C SER A 52 -1.90 -6.54 -34.98
N HIS A 53 -0.75 -5.91 -34.78
CA HIS A 53 -0.61 -4.89 -33.75
C HIS A 53 -1.14 -3.52 -34.15
N GLU A 54 -1.39 -3.29 -35.44
CA GLU A 54 -1.77 -1.94 -35.88
C GLU A 54 -3.02 -1.48 -35.13
N GLY A 55 -2.96 -0.26 -34.60
CA GLY A 55 -4.05 0.30 -33.83
C GLY A 55 -4.02 0.01 -32.34
N LYS A 56 -3.15 -0.88 -31.87
CA LYS A 56 -3.06 -1.13 -30.44
C LYS A 56 -2.34 0.03 -29.74
N THR A 57 -2.34 -0.02 -28.41
CA THR A 57 -1.62 0.96 -27.59
C THR A 57 -0.41 0.28 -26.95
N PHE A 58 0.75 0.89 -27.13
CA PHE A 58 2.01 0.43 -26.54
C PHE A 58 2.47 1.43 -25.49
N TYR A 59 3.14 0.94 -24.47
CA TYR A 59 3.80 1.81 -23.52
C TYR A 59 5.24 2.00 -23.96
N VAL A 60 5.80 3.19 -23.71
CA VAL A 60 7.21 3.48 -23.98
C VAL A 60 7.75 4.31 -22.83
N LEU A 61 9.07 4.35 -22.70
CA LEU A 61 9.67 5.14 -21.65
C LEU A 61 9.53 6.62 -21.94
N PRO A 62 9.55 7.47 -20.92
CA PRO A 62 9.34 8.92 -21.16
C PRO A 62 10.59 9.62 -21.71
N ASN A 63 10.82 9.43 -23.02
CA ASN A 63 11.98 10.03 -23.70
C ASN A 63 11.65 11.39 -24.35
N ASP A 64 10.44 11.55 -24.90
CA ASP A 64 9.92 12.84 -25.35
C ASP A 64 9.65 13.75 -24.15
N ASP A 65 9.92 15.06 -24.30
CA ASP A 65 9.65 16.00 -23.22
C ASP A 65 8.16 16.01 -22.84
N THR A 66 7.29 15.87 -23.85
CA THR A 66 5.86 15.78 -23.59
C THR A 66 5.52 14.54 -22.76
N LEU A 67 6.12 13.38 -23.10
CA LEU A 67 5.92 12.18 -22.31
C LEU A 67 6.49 12.33 -20.91
N ARG A 68 7.62 13.03 -20.76
CA ARG A 68 8.12 13.31 -19.42
C ARG A 68 7.07 14.04 -18.60
N VAL A 69 6.47 15.09 -19.17
CA VAL A 69 5.47 15.87 -18.44
C VAL A 69 4.25 14.99 -18.12
N GLU A 70 3.78 14.22 -19.09
CA GLU A 70 2.59 13.39 -18.88
C GLU A 70 2.85 12.34 -17.80
N ALA A 71 3.99 11.67 -17.88
CA ALA A 71 4.35 10.67 -16.89
C ALA A 71 4.46 11.29 -15.51
N PHE A 72 5.04 12.50 -15.41
CA PHE A 72 5.12 13.09 -14.08
C PHE A 72 3.73 13.43 -13.55
N GLU A 73 2.85 13.97 -14.41
CA GLU A 73 1.54 14.38 -13.93
C GLU A 73 0.67 13.18 -13.55
N TYR A 74 0.86 12.04 -14.21
CA TYR A 74 0.06 10.85 -13.91
C TYR A 74 0.64 10.02 -12.76
N TYR A 75 1.96 9.86 -12.68
CA TYR A 75 2.56 8.96 -11.69
C TYR A 75 3.18 9.68 -10.50
N HIS A 76 3.45 10.98 -10.62
CA HIS A 76 3.98 11.79 -9.52
C HIS A 76 5.37 11.36 -9.09
N THR A 77 6.15 10.88 -10.04
CA THR A 77 7.52 10.50 -9.79
C THR A 77 8.38 10.99 -10.94
N THR A 78 9.66 11.19 -10.65
CA THR A 78 10.64 11.56 -11.65
C THR A 78 11.55 10.38 -12.00
N ASP A 79 11.52 9.29 -11.22
CA ASP A 79 12.33 8.10 -11.50
C ASP A 79 12.10 7.67 -12.95
N PRO A 80 13.15 7.62 -13.78
CA PRO A 80 12.92 7.21 -15.18
C PRO A 80 12.53 5.74 -15.29
N SER A 81 13.10 4.90 -14.43
CA SER A 81 12.88 3.47 -14.48
C SER A 81 11.47 3.07 -14.05
N PHE A 82 10.73 3.96 -13.37
CA PHE A 82 9.43 3.60 -12.82
C PHE A 82 8.65 2.77 -13.83
N LEU A 83 8.38 3.34 -15.01
CA LEU A 83 7.55 2.64 -15.99
C LEU A 83 8.11 1.25 -16.24
N GLY A 84 9.38 1.14 -16.59
CA GLY A 84 10.00 -0.17 -16.74
C GLY A 84 9.56 -1.12 -15.65
N ARG A 85 9.90 -0.79 -14.40
CA ARG A 85 9.53 -1.61 -13.25
C ARG A 85 8.03 -1.89 -13.25
N TYR A 86 7.21 -0.84 -13.29
CA TYR A 86 5.76 -0.98 -13.38
C TYR A 86 5.39 -2.04 -14.41
N MET A 87 5.85 -1.87 -15.65
CA MET A 87 5.46 -2.81 -16.70
C MET A 87 5.93 -4.23 -16.37
N SER A 88 7.18 -4.37 -15.91
CA SER A 88 7.67 -5.70 -15.52
C SER A 88 6.73 -6.34 -14.51
N ALA A 89 6.32 -5.56 -13.50
CA ALA A 89 5.40 -6.07 -12.49
C ALA A 89 4.06 -6.42 -13.11
N LEU A 90 3.55 -5.56 -14.00
CA LEU A 90 2.27 -5.84 -14.65
C LEU A 90 2.31 -7.16 -15.41
N ASN A 91 3.50 -7.56 -15.88
CA ASN A 91 3.60 -8.81 -16.62
C ASN A 91 3.17 -10.00 -15.76
N HIS A 92 3.36 -9.89 -14.43
CA HIS A 92 3.00 -10.96 -13.48
C HIS A 92 1.65 -10.70 -12.81
N THR A 93 1.44 -9.49 -12.27
CA THR A 93 0.18 -9.21 -11.56
C THR A 93 -1.03 -9.52 -12.43
N LYS A 94 -0.93 -9.33 -13.75
CA LYS A 94 -2.04 -9.62 -14.63
C LYS A 94 -2.36 -11.12 -14.66
N LYS A 95 -1.37 -11.97 -14.44
CA LYS A 95 -1.63 -13.40 -14.41
C LYS A 95 -2.24 -13.87 -13.10
N TRP A 96 -2.05 -13.12 -12.01
CA TRP A 96 -2.62 -13.50 -10.74
C TRP A 96 -4.15 -13.53 -10.82
N LYS A 97 -4.75 -14.26 -9.89
CA LYS A 97 -6.19 -14.30 -9.73
C LYS A 97 -6.57 -13.36 -8.59
N TYR A 98 -7.69 -12.66 -8.77
CA TYR A 98 -8.19 -11.66 -7.82
C TYR A 98 -9.59 -12.02 -7.37
N PRO A 99 -9.72 -13.07 -6.56
CA PRO A 99 -11.05 -13.52 -6.15
C PRO A 99 -11.68 -12.54 -5.17
N GLN A 100 -12.98 -12.39 -5.27
CA GLN A 100 -13.74 -11.71 -4.24
C GLN A 100 -13.86 -12.64 -3.02
N VAL A 101 -13.53 -12.11 -1.85
CA VAL A 101 -13.58 -12.88 -0.60
C VAL A 101 -14.12 -11.95 0.47
N ASN A 102 -15.35 -12.20 0.91
CA ASN A 102 -15.94 -11.46 2.02
C ASN A 102 -16.26 -10.02 1.61
N GLY A 103 -16.58 -9.82 0.34
CA GLY A 103 -16.91 -8.50 -0.13
C GLY A 103 -15.71 -7.63 -0.48
N LEU A 104 -14.51 -8.18 -0.45
CA LEU A 104 -13.27 -7.46 -0.72
C LEU A 104 -12.57 -8.15 -1.87
N THR A 105 -11.61 -7.45 -2.48
CA THR A 105 -10.78 -8.06 -3.52
C THR A 105 -9.49 -8.56 -2.87
N SER A 106 -9.15 -9.81 -3.13
CA SER A 106 -8.01 -10.47 -2.54
C SER A 106 -7.19 -11.03 -3.71
N ILE A 107 -6.09 -11.70 -3.36
CA ILE A 107 -5.22 -12.32 -4.37
C ILE A 107 -5.05 -13.78 -3.98
N LYS A 108 -5.31 -14.67 -4.93
CA LYS A 108 -4.87 -16.04 -4.77
C LYS A 108 -3.35 -16.03 -4.65
N TRP A 109 -2.85 -16.84 -3.73
CA TRP A 109 -1.43 -16.79 -3.43
C TRP A 109 -0.58 -17.17 -4.64
N ALA A 110 0.43 -16.35 -4.90
CA ALA A 110 1.44 -16.58 -5.91
C ALA A 110 2.61 -15.64 -5.68
N ASP A 111 3.83 -16.14 -5.87
CA ASP A 111 5.01 -15.27 -5.88
C ASP A 111 5.15 -14.51 -4.56
N ASN A 112 4.85 -15.16 -3.43
CA ASN A 112 5.05 -14.57 -2.11
C ASN A 112 4.21 -13.31 -1.92
N ASN A 113 3.06 -13.24 -2.56
CA ASN A 113 2.30 -11.99 -2.56
C ASN A 113 1.48 -11.78 -1.28
N SER A 114 1.60 -12.64 -0.27
CA SER A 114 0.77 -12.50 0.92
C SER A 114 0.79 -11.08 1.52
N TYR A 115 1.98 -10.44 1.58
CA TYR A 115 2.03 -9.05 2.04
C TYR A 115 1.22 -8.12 1.12
N LEU A 116 1.28 -8.37 -0.19
CA LEU A 116 0.50 -7.55 -1.12
C LEU A 116 -1.00 -7.76 -0.95
N ALA A 117 -1.44 -9.01 -0.77
CA ALA A 117 -2.86 -9.25 -0.58
C ALA A 117 -3.35 -8.56 0.69
N THR A 118 -2.54 -8.62 1.75
CA THR A 118 -2.98 -8.02 3.01
C THR A 118 -3.03 -6.49 2.90
N ALA A 119 -2.02 -5.89 2.27
CA ALA A 119 -2.07 -4.45 2.04
C ALA A 119 -3.24 -4.07 1.14
N LEU A 120 -3.54 -4.89 0.13
CA LEU A 120 -4.67 -4.60 -0.77
C LEU A 120 -5.98 -4.55 0.00
N LEU A 121 -6.23 -5.57 0.84
CA LEU A 121 -7.47 -5.63 1.62
C LEU A 121 -7.55 -4.47 2.60
N THR A 122 -6.41 -4.12 3.20
CA THR A 122 -6.38 -2.97 4.10
C THR A 122 -6.75 -1.68 3.36
N LEU A 123 -6.06 -1.40 2.25
CA LEU A 123 -6.37 -0.22 1.46
C LEU A 123 -7.87 -0.13 1.12
N GLN A 124 -8.51 -1.26 0.84
CA GLN A 124 -9.95 -1.23 0.55
C GLN A 124 -10.82 -0.97 1.78
N GLN A 125 -10.27 -1.08 2.99
CA GLN A 125 -11.06 -0.81 4.18
C GLN A 125 -10.74 0.49 4.93
N ILE A 126 -9.77 1.28 4.49
CA ILE A 126 -9.48 2.55 5.14
C ILE A 126 -9.82 3.69 4.18
N GLU A 127 -10.13 4.86 4.74
CA GLU A 127 -10.50 6.02 3.96
C GLU A 127 -9.23 6.75 3.53
N LEU A 128 -8.89 6.65 2.26
CA LEU A 128 -7.61 7.10 1.73
C LEU A 128 -7.90 7.80 0.42
N LYS A 129 -7.16 8.88 0.15
CA LYS A 129 -7.31 9.66 -1.08
C LYS A 129 -5.93 9.86 -1.67
N PHE A 130 -5.59 9.05 -2.68
CA PHE A 130 -4.29 9.18 -3.33
C PHE A 130 -4.25 10.45 -4.19
N ASN A 131 -3.06 11.07 -4.24
CA ASN A 131 -2.89 12.26 -5.07
C ASN A 131 -2.53 11.89 -6.51
N PRO A 132 -1.61 10.96 -6.75
CA PRO A 132 -1.29 10.59 -8.15
C PRO A 132 -2.49 10.00 -8.86
N PRO A 133 -2.81 10.47 -10.06
CA PRO A 133 -3.96 9.91 -10.80
C PRO A 133 -3.81 8.45 -11.18
N ALA A 134 -2.59 8.00 -11.48
CA ALA A 134 -2.39 6.58 -11.73
C ALA A 134 -2.96 5.75 -10.58
N LEU A 135 -2.66 6.17 -9.35
CA LEU A 135 -3.11 5.44 -8.18
C LEU A 135 -4.62 5.58 -7.96
N GLN A 136 -5.17 6.80 -8.07
CA GLN A 136 -6.62 6.96 -7.90
C GLN A 136 -7.38 6.06 -8.87
N ASP A 137 -7.04 6.16 -10.16
CA ASP A 137 -7.67 5.32 -11.17
C ASP A 137 -7.53 3.84 -10.78
N ALA A 138 -6.31 3.38 -10.50
CA ALA A 138 -6.10 1.97 -10.22
C ALA A 138 -6.85 1.52 -8.98
N TYR A 139 -6.90 2.37 -7.93
CA TYR A 139 -7.61 2.08 -6.68
C TYR A 139 -9.07 1.78 -6.96
N TYR A 140 -9.74 2.68 -7.67
CA TYR A 140 -11.16 2.44 -7.95
C TYR A 140 -11.33 1.17 -8.82
N ARG A 141 -10.44 0.95 -9.80
CA ARG A 141 -10.54 -0.30 -10.55
C ARG A 141 -10.40 -1.52 -9.63
N ALA A 142 -9.49 -1.45 -8.66
CA ALA A 142 -9.17 -2.61 -7.84
C ALA A 142 -10.25 -2.91 -6.83
N ARG A 143 -10.84 -1.85 -6.24
CA ARG A 143 -11.99 -2.03 -5.36
C ARG A 143 -13.11 -2.80 -6.04
N ALA A 144 -13.14 -2.82 -7.38
CA ALA A 144 -14.19 -3.51 -8.12
C ALA A 144 -13.79 -4.89 -8.62
N GLY A 145 -12.53 -5.29 -8.47
CA GLY A 145 -12.06 -6.62 -8.79
C GLY A 145 -10.92 -6.68 -9.77
N GLU A 146 -10.69 -5.61 -10.54
CA GLU A 146 -9.59 -5.52 -11.49
C GLU A 146 -8.43 -4.84 -10.77
N ALA A 147 -7.59 -5.65 -10.13
CA ALA A 147 -6.56 -5.11 -9.26
C ALA A 147 -5.14 -5.33 -9.79
N ALA A 148 -4.99 -5.88 -10.99
CA ALA A 148 -3.65 -6.10 -11.52
C ALA A 148 -2.87 -4.79 -11.62
N ASN A 149 -3.48 -3.76 -12.21
CA ASN A 149 -2.76 -2.49 -12.36
C ASN A 149 -2.37 -1.91 -11.02
N PHE A 150 -3.30 -1.93 -10.06
CA PHE A 150 -3.03 -1.34 -8.75
C PHE A 150 -1.88 -2.05 -8.07
N CYS A 151 -1.80 -3.37 -8.21
CA CYS A 151 -0.73 -4.12 -7.57
C CYS A 151 0.61 -3.86 -8.25
N ALA A 152 0.60 -3.82 -9.59
CA ALA A 152 1.81 -3.43 -10.29
C ALA A 152 2.27 -2.04 -9.87
N LEU A 153 1.35 -1.10 -9.73
CA LEU A 153 1.73 0.25 -9.35
C LEU A 153 2.25 0.30 -7.92
N ILE A 154 1.69 -0.51 -7.03
CA ILE A 154 2.20 -0.53 -5.67
C ILE A 154 3.61 -1.10 -5.63
N LEU A 155 3.83 -2.22 -6.33
CA LEU A 155 5.18 -2.76 -6.42
C LEU A 155 6.14 -1.71 -6.94
N ALA A 156 5.73 -0.96 -7.98
CA ALA A 156 6.60 0.03 -8.57
C ALA A 156 6.89 1.18 -7.60
N TYR A 157 5.85 1.72 -6.96
CA TYR A 157 6.06 2.82 -6.04
C TYR A 157 6.92 2.44 -4.84
N CYS A 158 6.97 1.15 -4.49
CA CYS A 158 7.68 0.67 -3.31
C CYS A 158 9.06 0.12 -3.63
N ASN A 159 9.44 0.10 -4.90
CA ASN A 159 10.74 -0.44 -5.32
C ASN A 159 10.86 -1.91 -4.93
N LYS A 160 9.75 -2.64 -4.95
CA LYS A 160 9.74 -4.07 -4.74
C LYS A 160 9.46 -4.75 -6.06
N THR A 161 9.96 -5.97 -6.22
CA THR A 161 9.66 -6.75 -7.40
C THR A 161 8.80 -7.96 -7.01
N VAL A 162 8.12 -8.52 -8.01
CA VAL A 162 7.34 -9.73 -7.78
C VAL A 162 8.24 -10.82 -7.23
N GLY A 163 7.73 -11.54 -6.22
CA GLY A 163 8.54 -12.53 -5.50
C GLY A 163 9.34 -11.95 -4.36
N GLU A 164 9.79 -10.70 -4.51
CA GLU A 164 10.55 -10.05 -3.45
C GLU A 164 9.70 -10.05 -2.16
N LEU A 165 10.40 -10.19 -1.04
CA LEU A 165 9.77 -10.11 0.27
C LEU A 165 9.30 -8.70 0.56
N GLY A 166 8.19 -8.60 1.31
CA GLY A 166 7.62 -7.32 1.65
C GLY A 166 7.09 -7.31 3.06
N ASP A 167 6.92 -6.09 3.58
CA ASP A 167 6.31 -5.81 4.88
C ASP A 167 5.03 -5.06 4.55
N VAL A 168 3.94 -5.36 5.26
CA VAL A 168 2.70 -4.64 5.00
C VAL A 168 2.82 -3.19 5.47
N ARG A 169 3.47 -2.98 6.60
CA ARG A 169 3.66 -1.62 7.11
C ARG A 169 4.54 -0.81 6.18
N GLU A 170 5.66 -1.38 5.71
CA GLU A 170 6.49 -0.67 4.74
C GLU A 170 5.65 -0.21 3.55
N THR A 171 4.84 -1.13 3.02
CA THR A 171 4.01 -0.82 1.86
C THR A 171 3.02 0.31 2.16
N MET A 172 2.27 0.18 3.26
CA MET A 172 1.29 1.19 3.60
C MET A 172 1.94 2.55 3.79
N SER A 173 3.15 2.58 4.37
CA SER A 173 3.82 3.86 4.64
C SER A 173 4.27 4.52 3.35
N TYR A 174 4.99 3.76 2.51
CA TYR A 174 5.30 4.21 1.15
C TYR A 174 4.06 4.87 0.54
N LEU A 175 2.93 4.15 0.54
CA LEU A 175 1.76 4.63 -0.19
C LEU A 175 1.15 5.85 0.48
N PHE A 176 1.10 5.87 1.82
CA PHE A 176 0.61 7.04 2.53
C PHE A 176 1.35 8.29 2.10
N GLN A 177 2.64 8.16 1.78
CA GLN A 177 3.39 9.33 1.30
C GLN A 177 2.69 9.98 0.11
N HIS A 178 2.09 9.17 -0.78
CA HIS A 178 1.35 9.63 -1.94
C HIS A 178 -0.15 9.82 -1.67
N ALA A 179 -0.54 10.14 -0.45
CA ALA A 179 -1.93 10.31 -0.10
C ALA A 179 -2.13 11.68 0.55
N ASN A 180 -3.37 12.17 0.47
CA ASN A 180 -3.69 13.48 1.01
C ASN A 180 -4.07 13.33 2.49
N LEU A 181 -3.03 13.28 3.32
CA LEU A 181 -3.19 13.20 4.77
C LEU A 181 -2.76 14.49 5.46
N ASP A 182 -2.75 15.60 4.72
CA ASP A 182 -2.24 16.85 5.25
C ASP A 182 -3.11 17.38 6.38
N SER A 183 -4.42 17.14 6.33
CA SER A 183 -5.35 17.59 7.35
C SER A 183 -5.26 16.76 8.64
N CYS A 184 -4.47 15.69 8.64
CA CYS A 184 -4.35 14.82 9.79
C CYS A 184 -3.42 15.43 10.82
N LYS A 185 -3.73 15.17 12.10
CA LYS A 185 -3.04 15.82 13.20
C LYS A 185 -3.05 14.88 14.40
N ARG A 186 -1.90 14.73 15.06
CA ARG A 186 -1.79 13.97 16.30
C ARG A 186 -1.04 14.78 17.36
N VAL A 187 -1.68 15.03 18.49
CA VAL A 187 -1.04 15.67 19.63
C VAL A 187 -0.77 14.62 20.69
N LEU A 188 0.49 14.51 21.09
CA LEU A 188 0.99 13.57 22.08
C LEU A 188 1.53 14.34 23.27
N ASN A 189 1.61 13.67 24.40
CA ASN A 189 2.26 14.24 25.58
C ASN A 189 3.04 13.17 26.31
N VAL A 190 4.36 13.31 26.38
CA VAL A 190 5.24 12.40 27.12
C VAL A 190 5.51 13.01 28.48
N VAL A 191 5.34 12.20 29.53
CA VAL A 191 5.47 12.67 30.91
C VAL A 191 6.53 11.83 31.60
N CYS A 192 7.73 12.39 31.73
CA CYS A 192 8.76 11.82 32.57
C CYS A 192 8.71 12.48 33.94
N LYS A 193 9.07 11.71 34.97
CA LYS A 193 9.00 12.17 36.34
C LYS A 193 10.16 13.05 36.74
N THR A 194 11.29 12.97 36.01
CA THR A 194 12.41 13.88 36.17
C THR A 194 12.38 15.02 35.14
N CYS A 195 12.20 14.68 33.86
CA CYS A 195 12.21 15.70 32.81
C CYS A 195 10.95 16.53 32.76
N GLY A 196 9.84 16.01 33.27
CA GLY A 196 8.59 16.71 33.27
C GLY A 196 7.72 16.33 32.08
N GLN A 197 6.73 17.18 31.83
CA GLN A 197 5.83 17.00 30.70
C GLN A 197 6.39 17.68 29.45
N GLN A 198 6.12 17.07 28.30
CA GLN A 198 6.53 17.64 27.02
C GLN A 198 5.56 17.20 25.94
N GLN A 199 4.98 18.16 25.24
CA GLN A 199 3.97 17.89 24.24
C GLN A 199 4.56 18.01 22.84
N THR A 200 4.07 17.17 21.94
CA THR A 200 4.48 17.20 20.55
C THR A 200 3.25 17.12 19.65
N THR A 201 3.37 17.65 18.45
CA THR A 201 2.31 17.59 17.45
C THR A 201 2.89 17.11 16.13
N LEU A 202 2.26 16.08 15.57
CA LEU A 202 2.59 15.54 14.26
C LEU A 202 1.47 15.90 13.30
N LYS A 203 1.82 16.18 12.06
CA LYS A 203 0.84 16.36 10.99
C LYS A 203 1.26 15.48 9.82
N GLY A 204 0.28 15.15 8.98
CA GLY A 204 0.55 14.41 7.76
C GLY A 204 0.67 12.92 8.04
N VAL A 205 1.48 12.25 7.21
CA VAL A 205 1.65 10.80 7.33
C VAL A 205 2.06 10.40 8.74
N GLU A 206 2.88 11.24 9.39
CA GLU A 206 3.38 10.88 10.71
C GLU A 206 2.27 10.79 11.76
N ALA A 207 1.11 11.42 11.51
CA ALA A 207 0.03 11.44 12.47
C ALA A 207 -0.82 10.17 12.44
N VAL A 208 -0.74 9.36 11.38
CA VAL A 208 -1.63 8.21 11.25
C VAL A 208 -0.92 6.88 11.53
N MET A 209 0.37 6.89 11.89
CA MET A 209 1.13 5.69 12.14
C MET A 209 1.72 5.71 13.55
N TYR A 210 1.86 4.53 14.16
CA TYR A 210 2.61 4.41 15.40
C TYR A 210 3.30 3.05 15.46
N MET A 211 4.40 2.98 16.20
CA MET A 211 5.24 1.78 16.27
C MET A 211 5.70 1.54 17.69
N GLY A 212 5.34 0.38 18.22
CA GLY A 212 5.59 0.08 19.61
C GLY A 212 4.50 -0.74 20.24
N THR A 213 3.24 -0.39 19.97
CA THR A 213 2.11 -1.11 20.56
C THR A 213 1.01 -1.28 19.53
N LEU A 214 0.24 -2.36 19.69
CA LEU A 214 -0.89 -2.59 18.79
C LEU A 214 -2.19 -1.99 19.31
N SER A 215 -2.33 -1.86 20.64
CA SER A 215 -3.61 -1.50 21.23
C SER A 215 -3.76 0.02 21.19
N TYR A 216 -4.82 0.49 20.54
CA TYR A 216 -5.09 1.91 20.44
C TYR A 216 -5.65 2.45 21.75
N GLU A 217 -6.47 1.65 22.43
CA GLU A 217 -6.92 1.99 23.78
C GLU A 217 -5.72 2.13 24.71
N GLN A 218 -4.70 1.30 24.54
CA GLN A 218 -3.50 1.41 25.36
C GLN A 218 -2.73 2.69 25.04
N PHE A 219 -2.67 3.07 23.75
CA PHE A 219 -2.04 4.33 23.36
C PHE A 219 -2.75 5.52 23.98
N LYS A 220 -4.08 5.44 24.15
CA LYS A 220 -4.83 6.51 24.80
C LYS A 220 -4.60 6.53 26.31
N LYS A 221 -4.48 5.36 26.93
CA LYS A 221 -4.29 5.28 28.37
C LYS A 221 -2.86 5.67 28.75
N GLY A 222 -1.86 5.19 27.99
CA GLY A 222 -0.48 5.54 28.20
C GLY A 222 0.45 4.37 28.02
N VAL A 223 1.63 4.59 27.46
CA VAL A 223 2.58 3.52 27.16
C VAL A 223 3.95 3.91 27.65
N GLN A 224 4.66 2.95 28.25
CA GLN A 224 5.99 3.15 28.78
C GLN A 224 7.01 3.22 27.65
N ILE A 225 7.91 4.20 27.73
CA ILE A 225 8.98 4.33 26.74
C ILE A 225 10.25 4.77 27.44
N PRO A 226 11.39 4.39 26.89
CA PRO A 226 12.67 4.82 27.45
C PRO A 226 12.80 6.32 27.40
N CYS A 227 13.26 6.90 28.48
CA CYS A 227 13.65 8.31 28.51
C CYS A 227 15.17 8.41 28.64
N THR A 228 15.69 9.58 28.29
CA THR A 228 17.14 9.76 28.28
C THR A 228 17.71 9.89 29.69
N CYS A 229 16.91 10.38 30.65
CA CYS A 229 17.39 10.53 32.02
C CYS A 229 17.69 9.19 32.68
N GLY A 230 17.11 8.11 32.18
CA GLY A 230 17.20 6.78 32.74
C GLY A 230 15.88 6.20 33.16
N LYS A 231 14.89 7.02 33.42
CA LYS A 231 13.58 6.56 33.85
C LYS A 231 12.77 6.11 32.65
N GLN A 232 11.63 5.51 32.95
CA GLN A 232 10.60 5.24 31.96
C GLN A 232 9.61 6.39 31.97
N ALA A 233 9.36 6.96 30.79
CA ALA A 233 8.33 7.98 30.64
C ALA A 233 7.06 7.35 30.07
N THR A 234 5.95 8.05 30.25
CA THR A 234 4.65 7.61 29.76
C THR A 234 4.21 8.53 28.64
N LYS A 235 3.89 7.94 27.48
CA LYS A 235 3.35 8.68 26.34
C LYS A 235 1.87 8.34 26.22
N TYR A 236 1.03 9.37 26.13
CA TYR A 236 -0.40 9.14 25.96
C TYR A 236 -0.93 10.08 24.87
N LEU A 237 -1.98 9.61 24.22
CA LEU A 237 -2.56 10.34 23.10
C LEU A 237 -3.44 11.47 23.61
N VAL A 238 -3.12 12.68 23.18
CA VAL A 238 -3.84 13.88 23.57
C VAL A 238 -4.95 14.18 22.57
N GLN A 239 -4.69 14.02 21.28
CA GLN A 239 -5.69 14.36 20.26
C GLN A 239 -5.35 13.64 18.96
N GLN A 240 -6.37 13.04 18.34
CA GLN A 240 -6.21 12.42 17.03
C GLN A 240 -7.27 12.99 16.09
N GLU A 241 -6.81 13.49 14.93
CA GLU A 241 -7.68 13.99 13.86
C GLU A 241 -7.20 13.27 12.60
N SER A 242 -7.88 12.19 12.24
CA SER A 242 -7.50 11.40 11.09
C SER A 242 -8.59 10.38 10.79
N PRO A 243 -8.73 9.98 9.53
CA PRO A 243 -9.76 8.98 9.19
C PRO A 243 -9.43 7.58 9.68
N PHE A 244 -8.17 7.30 9.97
CA PHE A 244 -7.76 5.99 10.46
C PHE A 244 -6.47 6.19 11.22
N VAL A 245 -6.03 5.13 11.88
CA VAL A 245 -4.73 5.11 12.52
C VAL A 245 -4.17 3.70 12.41
N MET A 246 -2.88 3.62 12.11
CA MET A 246 -2.16 2.37 11.97
C MET A 246 -1.25 2.20 13.17
N MET A 247 -1.38 1.07 13.86
CA MET A 247 -0.53 0.72 15.00
C MET A 247 0.25 -0.51 14.61
N SER A 248 1.57 -0.46 14.71
CA SER A 248 2.38 -1.64 14.43
C SER A 248 3.20 -2.05 15.65
N ALA A 249 3.67 -3.29 15.63
CA ALA A 249 4.55 -3.80 16.69
C ALA A 249 5.24 -5.05 16.19
N PRO A 250 6.34 -5.45 16.80
CA PRO A 250 6.93 -6.73 16.48
C PRO A 250 5.88 -7.82 16.59
N PRO A 251 5.85 -8.75 15.65
CA PRO A 251 4.85 -9.82 15.71
C PRO A 251 4.79 -10.43 17.10
N ALA A 252 3.59 -10.59 17.62
CA ALA A 252 3.44 -11.29 18.89
C ALA A 252 2.03 -11.85 19.02
N GLN A 253 1.89 -12.85 19.88
CA GLN A 253 0.57 -13.43 20.12
C GLN A 253 -0.34 -12.37 20.74
N TYR A 254 -1.48 -12.12 20.06
CA TYR A 254 -2.38 -11.01 20.34
C TYR A 254 -3.80 -11.49 20.10
N GLU A 255 -4.71 -11.03 20.94
CA GLU A 255 -6.10 -11.41 20.93
C GLU A 255 -6.88 -10.27 20.30
N LEU A 256 -7.36 -10.50 19.08
CA LEU A 256 -8.23 -9.54 18.41
C LEU A 256 -9.66 -9.75 18.88
N LYS A 257 -10.25 -8.71 19.46
CA LYS A 257 -11.63 -8.75 19.95
C LYS A 257 -12.54 -8.11 18.91
N HIS A 258 -13.70 -8.73 18.69
CA HIS A 258 -14.62 -8.21 17.70
C HIS A 258 -15.14 -6.84 18.10
N GLY A 259 -15.27 -5.95 17.11
CA GLY A 259 -15.81 -4.63 17.30
C GLY A 259 -14.84 -3.60 17.83
N THR A 260 -13.59 -4.01 18.10
CA THR A 260 -12.57 -3.16 18.68
C THR A 260 -11.52 -2.70 17.67
N PHE A 261 -11.52 -3.24 16.45
CA PHE A 261 -10.57 -2.85 15.41
C PHE A 261 -11.26 -2.94 14.05
N THR A 262 -10.57 -2.41 13.02
CA THR A 262 -11.07 -2.46 11.65
C THR A 262 -10.51 -3.67 10.89
N CYS A 263 -9.19 -3.81 10.86
CA CYS A 263 -8.52 -4.98 10.32
C CYS A 263 -7.08 -5.01 10.83
N ALA A 264 -6.40 -6.10 10.53
CA ALA A 264 -5.11 -6.41 11.17
C ALA A 264 -4.30 -7.35 10.28
N SER A 265 -2.97 -7.21 10.40
CA SER A 265 -2.00 -8.06 9.71
C SER A 265 -1.43 -9.07 10.70
N GLU A 266 -1.57 -10.37 10.39
CA GLU A 266 -0.89 -11.45 11.09
C GLU A 266 0.35 -11.81 10.28
N TYR A 267 1.46 -12.09 10.96
CA TYR A 267 2.67 -12.53 10.27
C TYR A 267 3.25 -13.72 10.99
N THR A 268 3.44 -14.81 10.27
CA THR A 268 4.11 -15.99 10.81
C THR A 268 5.40 -16.16 10.04
N GLY A 269 6.51 -16.27 10.76
CA GLY A 269 7.78 -16.49 10.10
C GLY A 269 8.88 -15.62 10.69
N ASN A 270 9.90 -15.30 9.90
CA ASN A 270 11.04 -14.53 10.36
C ASN A 270 11.45 -13.60 9.22
N TYR A 271 12.61 -12.95 9.40
CA TYR A 271 13.08 -11.94 8.44
C TYR A 271 13.40 -12.55 7.07
N GLN A 272 13.68 -13.86 7.04
CA GLN A 272 14.04 -14.59 5.83
C GLN A 272 12.79 -15.08 5.09
N CYS A 273 11.87 -15.73 5.81
CA CYS A 273 10.76 -16.42 5.18
C CYS A 273 9.56 -16.33 6.11
N GLY A 274 8.38 -16.09 5.55
CA GLY A 274 7.18 -15.95 6.34
C GLY A 274 5.96 -15.87 5.45
N HIS A 275 4.81 -15.68 6.10
CA HIS A 275 3.52 -15.65 5.42
C HIS A 275 2.53 -14.79 6.18
N TYR A 276 1.78 -14.00 5.41
CA TYR A 276 0.92 -12.95 5.96
C TYR A 276 -0.53 -13.40 5.88
N LYS A 277 -1.31 -13.05 6.89
CA LYS A 277 -2.75 -13.23 6.83
C LYS A 277 -3.44 -11.95 7.28
N HIS A 278 -4.68 -11.79 6.83
CA HIS A 278 -5.45 -10.58 7.04
C HIS A 278 -6.68 -10.94 7.84
N ILE A 279 -6.93 -10.21 8.93
CA ILE A 279 -8.09 -10.41 9.78
C ILE A 279 -8.91 -9.12 9.73
N THR A 280 -10.22 -9.25 9.57
CA THR A 280 -11.12 -8.10 9.54
C THR A 280 -12.35 -8.33 10.41
N SER A 281 -12.82 -7.25 11.04
CA SER A 281 -13.97 -7.29 11.93
C SER A 281 -15.14 -6.69 11.17
N LYS A 282 -16.14 -7.52 10.89
CA LYS A 282 -17.37 -7.15 10.19
C LYS A 282 -18.50 -7.43 11.17
N GLU A 283 -19.31 -8.46 10.92
CA GLU A 283 -20.26 -8.96 11.92
C GLU A 283 -19.67 -10.06 12.80
N THR A 284 -18.46 -10.53 12.47
CA THR A 284 -17.68 -11.53 13.22
C THR A 284 -16.27 -11.44 12.63
N LEU A 285 -15.35 -12.26 13.13
CA LEU A 285 -13.95 -12.15 12.71
C LEU A 285 -13.70 -13.02 11.49
N TYR A 286 -13.33 -12.38 10.38
CA TYR A 286 -13.06 -13.06 9.12
C TYR A 286 -11.56 -13.06 8.87
N CYS A 287 -11.00 -14.24 8.56
CA CYS A 287 -9.58 -14.39 8.29
C CYS A 287 -9.36 -14.78 6.83
N ILE A 288 -8.74 -13.88 6.07
CA ILE A 288 -8.63 -13.91 4.62
C ILE A 288 -7.17 -14.21 4.29
N ASP A 289 -6.92 -15.45 3.88
CA ASP A 289 -5.60 -15.92 3.52
C ASP A 289 -5.55 -16.13 2.01
N GLY A 290 -5.50 -15.01 1.29
CA GLY A 290 -5.56 -15.04 -0.16
C GLY A 290 -6.92 -15.51 -0.60
N ALA A 291 -6.98 -16.64 -1.31
CA ALA A 291 -8.28 -17.18 -1.71
C ALA A 291 -8.99 -17.93 -0.57
N LEU A 292 -8.32 -18.18 0.55
CA LEU A 292 -8.95 -18.92 1.64
C LEU A 292 -9.63 -17.96 2.60
N LEU A 293 -10.74 -18.44 3.19
CA LEU A 293 -11.50 -17.65 4.15
C LEU A 293 -11.94 -18.55 5.29
N THR A 294 -11.80 -18.05 6.53
CA THR A 294 -12.30 -18.77 7.69
C THR A 294 -12.88 -17.76 8.68
N LYS A 295 -14.04 -18.08 9.22
CA LYS A 295 -14.77 -17.21 10.12
C LYS A 295 -14.62 -17.73 11.54
N SER A 296 -14.68 -16.82 12.50
CA SER A 296 -14.54 -17.20 13.90
C SER A 296 -15.04 -16.08 14.80
N SER A 297 -15.52 -16.46 15.98
CA SER A 297 -16.00 -15.48 16.93
C SER A 297 -14.85 -14.78 17.64
N GLU A 298 -13.71 -15.44 17.74
CA GLU A 298 -12.53 -14.84 18.37
C GLU A 298 -11.27 -15.28 17.63
N TYR A 299 -10.23 -14.50 17.81
CA TYR A 299 -8.99 -14.73 17.05
C TYR A 299 -7.80 -14.41 17.94
N LYS A 300 -6.85 -15.34 18.02
CA LYS A 300 -5.58 -15.11 18.69
C LYS A 300 -4.45 -15.54 17.77
N GLY A 301 -3.55 -14.61 17.46
CA GLY A 301 -2.50 -14.88 16.49
C GLY A 301 -1.31 -13.93 16.58
N PRO A 302 -0.25 -14.21 15.81
CA PRO A 302 0.93 -13.32 15.80
C PRO A 302 0.65 -12.08 14.97
N ILE A 303 0.10 -11.07 15.63
CA ILE A 303 -0.29 -9.83 14.95
C ILE A 303 0.90 -8.87 14.95
N THR A 304 1.02 -8.10 13.86
CA THR A 304 2.02 -7.06 13.71
C THR A 304 1.48 -5.69 13.25
N ASP A 305 0.28 -5.61 12.66
CA ASP A 305 -0.36 -4.34 12.32
C ASP A 305 -1.83 -4.42 12.74
N VAL A 306 -2.36 -3.35 13.35
CA VAL A 306 -3.78 -3.24 13.63
C VAL A 306 -4.23 -1.85 13.20
N PHE A 307 -5.30 -1.80 12.42
CA PHE A 307 -5.83 -0.58 11.83
C PHE A 307 -7.14 -0.22 12.49
N TYR A 308 -7.25 1.01 12.94
CA TYR A 308 -8.46 1.46 13.62
C TYR A 308 -9.03 2.64 12.86
N LYS A 309 -10.32 2.85 13.02
CA LYS A 309 -10.99 3.99 12.42
C LYS A 309 -11.11 5.10 13.44
N GLU A 310 -10.90 6.34 13.00
CA GLU A 310 -11.06 7.50 13.86
C GLU A 310 -11.75 8.60 13.06
N ASN A 311 -12.37 9.51 13.80
CA ASN A 311 -12.83 10.78 13.25
C ASN A 311 -12.12 11.91 13.98
N SER A 312 -12.43 12.10 15.26
CA SER A 312 -11.80 13.08 16.11
C SER A 312 -11.81 12.53 17.52
N TYR A 313 -10.66 12.56 18.17
CA TYR A 313 -10.51 12.10 19.54
C TYR A 313 -9.76 13.16 20.33
N THR A 314 -10.23 13.43 21.54
CA THR A 314 -9.59 14.35 22.48
C THR A 314 -9.55 13.67 23.84
N THR A 315 -8.36 13.58 24.43
CA THR A 315 -8.19 12.76 25.64
C THR A 315 -9.00 13.35 26.78
N THR A 316 -9.37 12.49 27.71
CA THR A 316 -10.03 12.88 28.95
C THR A 316 -9.03 13.06 30.12
N ILE A 317 -7.72 13.16 29.81
CA ILE A 317 -6.67 13.20 30.83
C ILE A 317 -6.28 14.66 31.04
N LYS A 318 -6.81 15.27 32.10
CA LYS A 318 -6.51 16.68 32.39
C LYS A 318 -5.54 16.78 33.57
#